data_6P5O
#
_entry.id   6P5O
#
_cell.length_a   44.409
_cell.length_b   118.707
_cell.length_c   60.863
_cell.angle_alpha   90.000
_cell.angle_beta   109.610
_cell.angle_gamma   90.000
#
_symmetry.space_group_name_H-M   'P 1 21 1'
#
loop_
_entity.id
_entity.type
_entity.pdbx_description
1 polymer 'Phosphoenolpyruvate carboxykinase, cytosolic [GTP]'
2 non-polymer 'MANGANESE (II) ION'
3 non-polymer '3-[(carboxymethyl)sulfanyl]pyridine-2-carboxylic acid'
4 non-polymer 'SODIUM ION'
5 water water
#
_entity_poly.entity_id   1
_entity_poly.type   'polypeptide(L)'
_entity_poly.pdbx_seq_one_letter_code
;MPPQLHNGLDFSAKVIQGSLDSLPQEVRKFVEGNAQLCQPEYIHICDGSEEEYGRLLAHMQEEGVIRKLKKYDNCWLALT
DPRDVARIESKTVIITQEQRDTVPIPKSGQSQLGRWMSEEDFEKAFNARFPGCMKGRTMYVIPFSMGPLGSPLAKIGIEL
TDSPYVVASMRIMTRMGTSVLEALGDGEFIKCLHSVGCPLPLKKPLVNNWACNPELTLIAHLPDRREIISFGSGYGGNSL
LGKKCFALRIASRLAKEEGWLAEHMLILGITNPEGKKKYLAAAFPSACGKTNLAMMNPTLPGWKVECVGDDIAWMKFDAQ
GNLRAINPENGFFGVAPGTSVKTNPNAIKTIQKNTIFTNVAETSDGGVYWEGIDEPLAPGVTITSWKNKEWRPQDEEPCA
HPNSRFCTPASQCPIIDPAWESPEGVPIEGIIFGGRRPAGVPLVYEALSWQHGVFVGAAMRSEATAAAEHKGKVIMHDPF
AMRPFFGYNFGKYLAHWLSMAHRPAAKLPKIFHVNWFRKDKNGKFLWPGFGENSRVLEWMFGRIEGEDSAKLTPIGYVPK
EDALNLKGLGDVNVEELFGISKEFWEKEVEEIDKYLEDQVNADLPYEIERELRALKQRISQM
;
_entity_poly.pdbx_strand_id   A
#
# COMPACT_ATOMS: atom_id res chain seq x y z
N PRO A 3 -0.92 17.71 -38.21
CA PRO A 3 -1.75 17.80 -39.42
C PRO A 3 -3.20 17.31 -39.19
N GLN A 4 -4.11 17.73 -40.07
CA GLN A 4 -5.56 17.41 -40.04
C GLN A 4 -6.19 18.05 -41.28
N LEU A 5 -7.28 17.45 -41.79
CA LEU A 5 -8.05 18.01 -42.94
C LEU A 5 -9.17 18.92 -42.43
N HIS A 6 -9.41 18.90 -41.11
CA HIS A 6 -10.46 19.68 -40.42
C HIS A 6 -9.86 20.29 -39.15
N ASN A 7 -10.53 20.18 -37.99
CA ASN A 7 -10.14 20.96 -36.77
C ASN A 7 -10.42 20.18 -35.47
N GLY A 8 -10.39 18.84 -35.51
CA GLY A 8 -10.80 17.99 -34.37
C GLY A 8 -9.63 17.27 -33.70
N LEU A 9 -8.42 17.33 -34.26
CA LEU A 9 -7.26 16.54 -33.75
C LEU A 9 -6.36 17.39 -32.85
N ASP A 10 -6.16 18.67 -33.18
CA ASP A 10 -5.28 19.59 -32.39
C ASP A 10 -6.10 20.17 -31.24
N PHE A 11 -5.76 19.83 -29.99
CA PHE A 11 -6.52 20.24 -28.77
C PHE A 11 -5.92 21.49 -28.12
N SER A 12 -5.00 22.19 -28.79
CA SER A 12 -4.33 23.41 -28.26
C SER A 12 -5.36 24.44 -27.74
N ALA A 13 -6.46 24.68 -28.44
CA ALA A 13 -7.43 25.74 -28.10
C ALA A 13 -8.18 25.41 -26.78
N LYS A 14 -8.11 24.16 -26.30
CA LYS A 14 -8.82 23.70 -25.09
C LYS A 14 -7.89 23.66 -23.88
N VAL A 15 -6.63 24.07 -24.01
CA VAL A 15 -5.68 24.03 -22.88
C VAL A 15 -5.90 25.26 -21.99
N ILE A 16 -6.21 25.06 -20.71
CA ILE A 16 -6.54 26.15 -19.75
C ILE A 16 -5.39 26.36 -18.76
N GLN A 17 -4.38 25.49 -18.77
CA GLN A 17 -3.13 25.75 -18.03
C GLN A 17 -2.01 24.96 -18.70
N GLY A 18 -0.88 25.61 -18.93
CA GLY A 18 0.24 25.00 -19.66
C GLY A 18 0.07 25.10 -21.16
N SER A 19 0.77 24.24 -21.87
CA SER A 19 0.91 24.27 -23.35
C SER A 19 1.21 22.86 -23.85
N LEU A 20 0.46 22.39 -24.85
CA LEU A 20 0.78 21.09 -25.50
C LEU A 20 2.15 21.20 -26.16
N ASP A 21 2.45 22.36 -26.76
CA ASP A 21 3.75 22.65 -27.44
C ASP A 21 4.93 22.41 -26.50
N SER A 22 4.80 22.70 -25.20
CA SER A 22 5.92 22.65 -24.21
C SER A 22 6.15 21.23 -23.70
N LEU A 23 5.19 20.31 -23.85
CA LEU A 23 5.31 18.91 -23.37
C LEU A 23 6.34 18.16 -24.21
N PRO A 24 7.04 17.14 -23.64
CA PRO A 24 7.83 16.22 -24.45
C PRO A 24 6.93 15.53 -25.48
N GLN A 25 7.50 15.20 -26.65
CA GLN A 25 6.76 14.61 -27.81
C GLN A 25 5.82 13.49 -27.36
N GLU A 26 6.32 12.50 -26.61
CA GLU A 26 5.52 11.28 -26.27
C GLU A 26 4.44 11.66 -25.24
N VAL A 27 4.69 12.65 -24.39
CA VAL A 27 3.67 13.13 -23.42
C VAL A 27 2.54 13.81 -24.19
N ARG A 28 2.86 14.68 -25.15
CA ARG A 28 1.83 15.32 -26.00
C ARG A 28 1.00 14.24 -26.70
N LYS A 29 1.61 13.23 -27.31
CA LYS A 29 0.86 12.16 -28.02
C LYS A 29 -0.11 11.47 -27.04
N PHE A 30 0.35 11.17 -25.83
CA PHE A 30 -0.48 10.51 -24.79
C PHE A 30 -1.66 11.41 -24.39
N VAL A 31 -1.40 12.67 -24.11
CA VAL A 31 -2.45 13.66 -23.70
C VAL A 31 -3.43 13.87 -24.85
N GLU A 32 -2.93 14.19 -26.04
CA GLU A 32 -3.80 14.61 -27.16
C GLU A 32 -4.58 13.39 -27.67
N GLY A 33 -3.95 12.21 -27.73
CA GLY A 33 -4.65 10.99 -28.15
C GLY A 33 -5.79 10.66 -27.23
N ASN A 34 -5.59 10.80 -25.92
CA ASN A 34 -6.68 10.51 -24.95
C ASN A 34 -7.72 11.63 -24.93
N ALA A 35 -7.35 12.88 -25.20
CA ALA A 35 -8.30 13.98 -25.37
C ALA A 35 -9.19 13.69 -26.60
N GLN A 36 -8.60 13.20 -27.68
CA GLN A 36 -9.37 12.83 -28.90
C GLN A 36 -10.39 11.75 -28.52
N LEU A 37 -9.97 10.75 -27.74
CA LEU A 37 -10.83 9.60 -27.35
C LEU A 37 -11.89 10.05 -26.33
N CYS A 38 -11.49 10.72 -25.26
CA CYS A 38 -12.35 10.97 -24.07
C CYS A 38 -13.18 12.25 -24.24
N GLN A 39 -12.75 13.18 -25.12
CA GLN A 39 -13.52 14.40 -25.47
CA GLN A 39 -13.49 14.41 -25.49
C GLN A 39 -13.73 15.30 -24.25
N PRO A 40 -12.68 15.59 -23.44
CA PRO A 40 -12.82 16.56 -22.36
C PRO A 40 -13.14 17.94 -22.96
N GLU A 41 -13.82 18.76 -22.19
CA GLU A 41 -14.06 20.17 -22.54
C GLU A 41 -12.75 20.96 -22.48
N TYR A 42 -11.95 20.72 -21.45
CA TYR A 42 -10.68 21.45 -21.21
C TYR A 42 -9.55 20.51 -20.89
N ILE A 43 -8.32 20.99 -21.08
CA ILE A 43 -7.11 20.26 -20.63
C ILE A 43 -6.36 21.19 -19.68
N HIS A 44 -6.08 20.72 -18.47
CA HIS A 44 -5.35 21.47 -17.44
C HIS A 44 -4.05 20.72 -17.16
N ILE A 45 -2.91 21.27 -17.59
CA ILE A 45 -1.60 20.62 -17.34
C ILE A 45 -1.17 21.10 -15.95
N CYS A 46 -1.12 20.20 -14.98
CA CYS A 46 -0.91 20.58 -13.58
C CYS A 46 0.53 21.08 -13.39
N ASP A 47 0.68 22.13 -12.60
CA ASP A 47 2.04 22.64 -12.26
C ASP A 47 2.46 22.24 -10.85
N GLY A 48 1.57 21.72 -10.00
CA GLY A 48 1.91 21.29 -8.63
C GLY A 48 2.01 22.45 -7.64
N SER A 49 1.73 23.68 -8.08
CA SER A 49 1.89 24.89 -7.23
C SER A 49 0.87 24.90 -6.08
N GLU A 50 1.20 25.62 -5.01
CA GLU A 50 0.25 25.80 -3.89
CA GLU A 50 0.26 25.85 -3.88
C GLU A 50 -0.99 26.56 -4.41
N GLU A 51 -0.80 27.54 -5.30
CA GLU A 51 -1.91 28.34 -5.87
C GLU A 51 -2.91 27.40 -6.55
N GLU A 52 -2.41 26.53 -7.42
CA GLU A 52 -3.24 25.55 -8.16
C GLU A 52 -4.05 24.70 -7.18
N TYR A 53 -3.38 24.21 -6.14
CA TYR A 53 -3.94 23.30 -5.11
C TYR A 53 -5.05 24.01 -4.32
N GLY A 54 -4.73 25.19 -3.78
CA GLY A 54 -5.73 25.95 -2.98
C GLY A 54 -6.95 26.26 -3.82
N ARG A 55 -6.74 26.65 -5.08
CA ARG A 55 -7.85 27.06 -5.98
C ARG A 55 -8.71 25.83 -6.31
N LEU A 56 -8.10 24.67 -6.51
CA LEU A 56 -8.84 23.43 -6.84
C LEU A 56 -9.66 22.97 -5.62
N LEU A 57 -9.12 23.09 -4.40
CA LEU A 57 -9.87 22.74 -3.17
C LEU A 57 -11.09 23.66 -3.06
N ALA A 58 -10.88 24.96 -3.22
CA ALA A 58 -11.97 25.97 -3.11
C ALA A 58 -13.05 25.67 -4.15
N HIS A 59 -12.67 25.27 -5.36
CA HIS A 59 -13.60 24.87 -6.44
C HIS A 59 -14.42 23.61 -6.06
N MET A 60 -13.76 22.60 -5.50
CA MET A 60 -14.47 21.37 -5.06
CA MET A 60 -14.46 21.37 -5.05
C MET A 60 -15.46 21.73 -3.95
N GLN A 61 -15.05 22.61 -3.04
CA GLN A 61 -15.89 23.14 -1.92
C GLN A 61 -17.13 23.82 -2.52
N GLU A 62 -16.96 24.64 -3.57
CA GLU A 62 -18.08 25.32 -4.30
C GLU A 62 -19.09 24.30 -4.84
N GLU A 63 -18.62 23.20 -5.46
CA GLU A 63 -19.50 22.21 -6.14
C GLU A 63 -20.00 21.15 -5.13
N GLY A 64 -19.75 21.35 -3.84
CA GLY A 64 -20.19 20.45 -2.74
C GLY A 64 -19.48 19.10 -2.78
N VAL A 65 -18.31 19.02 -3.43
CA VAL A 65 -17.55 17.75 -3.52
C VAL A 65 -16.73 17.53 -2.23
N ILE A 66 -16.23 18.59 -1.61
CA ILE A 66 -15.55 18.49 -0.29
C ILE A 66 -16.07 19.56 0.65
N ARG A 67 -15.85 19.35 1.94
CA ARG A 67 -16.14 20.34 3.02
C ARG A 67 -14.82 20.71 3.71
N LYS A 68 -14.64 21.98 4.06
CA LYS A 68 -13.51 22.38 4.91
C LYS A 68 -13.81 21.96 6.35
N LEU A 69 -12.82 21.38 7.03
CA LEU A 69 -12.87 20.98 8.45
C LEU A 69 -12.35 22.16 9.28
N LYS A 70 -13.26 22.95 9.86
CA LYS A 70 -12.91 24.29 10.38
C LYS A 70 -12.07 24.20 11.67
N LYS A 71 -12.04 23.05 12.34
CA LYS A 71 -11.29 22.87 13.61
C LYS A 71 -9.79 22.88 13.33
N TYR A 72 -9.38 22.53 12.11
CA TYR A 72 -7.96 22.25 11.76
C TYR A 72 -7.47 23.26 10.72
N ASP A 73 -6.17 23.23 10.46
CA ASP A 73 -5.46 24.10 9.49
C ASP A 73 -5.51 23.45 8.10
N ASN A 74 -6.30 23.98 7.17
CA ASN A 74 -6.32 23.54 5.75
C ASN A 74 -6.58 22.03 5.68
N CYS A 75 -7.61 21.55 6.37
CA CYS A 75 -8.05 20.13 6.29
C CYS A 75 -9.43 20.05 5.68
N TRP A 76 -9.69 18.96 4.97
CA TRP A 76 -10.86 18.78 4.08
C TRP A 76 -11.47 17.39 4.25
N LEU A 77 -12.76 17.28 3.96
CA LEU A 77 -13.53 16.04 4.08
C LEU A 77 -14.31 15.76 2.79
N ALA A 78 -14.13 14.57 2.23
CA ALA A 78 -14.94 14.05 1.11
C ALA A 78 -15.75 12.87 1.65
N LEU A 79 -17.05 12.85 1.37
CA LEU A 79 -17.98 11.73 1.65
C LEU A 79 -18.39 11.12 0.30
N THR A 80 -18.17 9.84 0.08
CA THR A 80 -18.35 9.23 -1.25
C THR A 80 -19.75 8.62 -1.38
N ASP A 81 -20.08 8.25 -2.61
CA ASP A 81 -21.17 7.31 -2.94
C ASP A 81 -20.84 6.01 -2.21
N PRO A 82 -21.76 5.45 -1.41
CA PRO A 82 -21.44 4.22 -0.67
C PRO A 82 -21.10 3.01 -1.57
N ARG A 83 -21.36 3.10 -2.87
CA ARG A 83 -20.98 2.06 -3.86
C ARG A 83 -19.47 2.14 -4.18
N ASP A 84 -18.81 3.24 -3.82
CA ASP A 84 -17.41 3.51 -4.22
C ASP A 84 -16.61 3.87 -2.96
N VAL A 85 -16.17 2.85 -2.21
CA VAL A 85 -15.56 3.06 -0.86
C VAL A 85 -14.24 2.29 -0.71
N ALA A 86 -13.79 1.56 -1.73
CA ALA A 86 -12.58 0.71 -1.61
C ALA A 86 -12.08 0.22 -2.97
N ARG A 87 -10.80 -0.15 -3.02
CA ARG A 87 -10.22 -1.02 -4.06
C ARG A 87 -11.18 -2.19 -4.28
N ILE A 88 -11.49 -2.55 -5.52
CA ILE A 88 -12.31 -3.75 -5.80
C ILE A 88 -11.45 -4.77 -6.56
N GLU A 89 -10.97 -5.76 -5.81
CA GLU A 89 -10.07 -6.80 -6.37
C GLU A 89 -10.72 -7.50 -7.57
N SER A 90 -12.02 -7.80 -7.50
CA SER A 90 -12.68 -8.60 -8.56
C SER A 90 -12.78 -7.81 -9.88
N LYS A 91 -12.52 -6.50 -9.86
CA LYS A 91 -12.55 -5.65 -11.08
C LYS A 91 -11.15 -5.10 -11.35
N THR A 92 -10.14 -5.70 -10.73
CA THR A 92 -8.73 -5.31 -10.91
C THR A 92 -8.05 -6.41 -11.71
N VAL A 93 -7.48 -6.09 -12.86
CA VAL A 93 -6.97 -7.10 -13.82
C VAL A 93 -5.60 -6.69 -14.37
N ILE A 94 -4.84 -7.69 -14.78
CA ILE A 94 -3.59 -7.47 -15.53
C ILE A 94 -3.72 -8.16 -16.89
N ILE A 95 -3.32 -7.44 -17.92
CA ILE A 95 -3.40 -7.92 -19.33
C ILE A 95 -2.01 -8.38 -19.74
N THR A 96 -1.89 -9.63 -20.19
CA THR A 96 -0.67 -10.17 -20.82
C THR A 96 -1.13 -11.11 -21.94
N GLN A 97 -0.25 -11.34 -22.91
CA GLN A 97 -0.54 -12.27 -24.03
C GLN A 97 -0.89 -13.66 -23.47
N GLU A 98 -0.13 -14.14 -22.47
CA GLU A 98 -0.33 -15.48 -21.86
CA GLU A 98 -0.34 -15.48 -21.86
C GLU A 98 -0.72 -15.32 -20.39
N GLN A 99 -1.76 -16.03 -19.96
CA GLN A 99 -2.25 -15.96 -18.56
C GLN A 99 -1.12 -16.35 -17.60
N ARG A 100 -0.29 -17.35 -17.91
CA ARG A 100 0.77 -17.86 -17.00
CA ARG A 100 0.74 -17.85 -16.98
C ARG A 100 1.78 -16.76 -16.64
N ASP A 101 1.92 -15.75 -17.48
CA ASP A 101 2.89 -14.66 -17.19
C ASP A 101 2.34 -13.81 -16.05
N THR A 102 1.02 -13.78 -15.87
CA THR A 102 0.31 -12.95 -14.85
C THR A 102 0.07 -13.75 -13.57
N VAL A 103 -0.42 -14.99 -13.65
CA VAL A 103 -0.69 -15.85 -12.45
C VAL A 103 -0.20 -17.25 -12.79
N PRO A 104 0.23 -18.04 -11.79
CA PRO A 104 0.51 -19.45 -12.05
C PRO A 104 -0.82 -20.11 -12.41
N ILE A 105 -0.75 -21.11 -13.27
CA ILE A 105 -1.96 -21.91 -13.59
C ILE A 105 -2.15 -22.87 -12.44
N PRO A 106 -3.23 -22.73 -11.64
CA PRO A 106 -3.36 -23.54 -10.44
C PRO A 106 -3.59 -25.02 -10.77
N LYS A 107 -3.20 -25.88 -9.84
CA LYS A 107 -3.30 -27.34 -10.03
C LYS A 107 -4.78 -27.74 -10.11
N SER A 108 -5.59 -27.24 -9.19
CA SER A 108 -7.01 -27.66 -9.07
C SER A 108 -7.99 -26.49 -9.08
N GLY A 109 -7.62 -25.33 -8.51
CA GLY A 109 -8.59 -24.28 -8.16
C GLY A 109 -8.46 -23.04 -9.01
N GLN A 110 -9.22 -22.04 -8.60
CA GLN A 110 -9.17 -20.67 -9.18
CA GLN A 110 -9.16 -20.67 -9.19
C GLN A 110 -7.97 -19.93 -8.59
N SER A 111 -7.22 -19.22 -9.42
CA SER A 111 -6.08 -18.40 -8.90
C SER A 111 -6.61 -17.33 -7.95
N GLN A 112 -6.01 -17.20 -6.77
CA GLN A 112 -6.29 -16.05 -5.89
C GLN A 112 -5.04 -15.16 -5.87
N LEU A 113 -4.14 -15.32 -6.84
CA LEU A 113 -2.86 -14.57 -6.85
C LEU A 113 -2.88 -13.48 -7.91
N GLY A 114 -4.04 -13.19 -8.47
CA GLY A 114 -4.21 -12.17 -9.52
C GLY A 114 -5.44 -12.46 -10.33
N ARG A 115 -5.77 -11.56 -11.25
CA ARG A 115 -6.93 -11.75 -12.17
C ARG A 115 -6.44 -11.35 -13.54
N TRP A 116 -6.21 -12.33 -14.40
CA TRP A 116 -5.79 -12.10 -15.78
C TRP A 116 -7.00 -11.76 -16.65
N MET A 117 -6.80 -10.82 -17.56
CA MET A 117 -7.78 -10.50 -18.61
C MET A 117 -7.04 -10.53 -19.94
N SER A 118 -7.61 -11.21 -20.92
CA SER A 118 -7.02 -11.27 -22.27
C SER A 118 -6.97 -9.87 -22.89
N GLU A 119 -6.02 -9.64 -23.78
CA GLU A 119 -5.93 -8.43 -24.63
C GLU A 119 -7.30 -8.19 -25.29
N GLU A 120 -7.95 -9.26 -25.77
CA GLU A 120 -9.21 -9.18 -26.56
C GLU A 120 -10.33 -8.66 -25.66
N ASP A 121 -10.44 -9.19 -24.45
CA ASP A 121 -11.52 -8.81 -23.52
C ASP A 121 -11.25 -7.37 -23.08
N PHE A 122 -9.97 -7.01 -22.92
CA PHE A 122 -9.65 -5.63 -22.47
C PHE A 122 -10.00 -4.62 -23.57
N GLU A 123 -9.70 -4.91 -24.83
CA GLU A 123 -9.96 -3.96 -25.94
C GLU A 123 -11.48 -3.70 -25.99
N LYS A 124 -12.28 -4.77 -25.87
CA LYS A 124 -13.76 -4.66 -25.84
C LYS A 124 -14.20 -3.85 -24.60
N ALA A 125 -13.62 -4.11 -23.43
CA ALA A 125 -13.98 -3.40 -22.18
C ALA A 125 -13.64 -1.91 -22.33
N PHE A 126 -12.47 -1.63 -22.90
CA PHE A 126 -11.95 -0.25 -23.08
C PHE A 126 -12.87 0.54 -24.02
N ASN A 127 -13.21 -0.06 -25.16
CA ASN A 127 -14.10 0.55 -26.19
C ASN A 127 -15.51 0.79 -25.64
N ALA A 128 -15.97 0.00 -24.67
CA ALA A 128 -17.30 0.13 -24.06
C ALA A 128 -17.31 1.19 -22.95
N ARG A 129 -16.17 1.78 -22.59
CA ARG A 129 -16.06 2.68 -21.42
C ARG A 129 -15.55 4.07 -21.86
N PHE A 130 -14.37 4.15 -22.46
CA PHE A 130 -13.62 5.43 -22.54
C PHE A 130 -14.11 6.38 -23.63
N PRO A 131 -14.58 5.97 -24.84
CA PRO A 131 -14.98 6.97 -25.83
C PRO A 131 -16.03 7.94 -25.27
N GLY A 132 -15.70 9.24 -25.31
CA GLY A 132 -16.59 10.33 -24.87
C GLY A 132 -16.69 10.47 -23.36
N CYS A 133 -15.92 9.72 -22.57
CA CYS A 133 -16.21 9.57 -21.12
C CYS A 133 -15.94 10.86 -20.33
N MET A 134 -15.17 11.80 -20.87
CA MET A 134 -14.86 13.05 -20.14
C MET A 134 -15.66 14.23 -20.70
N LYS A 135 -16.69 14.00 -21.51
CA LYS A 135 -17.46 15.12 -22.12
C LYS A 135 -17.92 16.08 -21.02
N GLY A 136 -17.69 17.38 -21.21
CA GLY A 136 -18.14 18.40 -20.26
C GLY A 136 -17.20 18.59 -19.08
N ARG A 137 -16.11 17.82 -19.02
CA ARG A 137 -15.21 17.84 -17.85
C ARG A 137 -13.81 18.30 -18.25
N THR A 138 -13.01 18.68 -17.27
CA THR A 138 -11.58 18.97 -17.45
C THR A 138 -10.79 17.67 -17.37
N MET A 139 -9.91 17.45 -18.33
CA MET A 139 -8.85 16.43 -18.25
C MET A 139 -7.65 17.12 -17.59
N TYR A 140 -7.35 16.71 -16.37
CA TYR A 140 -6.13 17.14 -15.65
C TYR A 140 -4.99 16.23 -16.06
N VAL A 141 -3.84 16.83 -16.30
CA VAL A 141 -2.59 16.10 -16.65
C VAL A 141 -1.65 16.23 -15.46
N ILE A 142 -1.42 15.11 -14.75
CA ILE A 142 -0.62 15.08 -13.51
C ILE A 142 0.73 14.47 -13.83
N PRO A 143 1.83 15.25 -13.94
CA PRO A 143 3.15 14.67 -14.12
C PRO A 143 3.75 14.36 -12.74
N PHE A 144 4.06 13.13 -12.44
CA PHE A 144 4.46 12.78 -11.06
C PHE A 144 5.67 11.86 -11.05
N SER A 145 6.46 12.00 -10.00
CA SER A 145 7.60 11.12 -9.69
C SER A 145 7.24 10.22 -8.53
N MET A 146 7.47 8.92 -8.73
CA MET A 146 7.46 7.89 -7.68
C MET A 146 8.89 7.78 -7.16
N GLY A 147 9.14 8.45 -6.04
CA GLY A 147 10.48 8.56 -5.45
C GLY A 147 11.04 9.96 -5.57
N PRO A 148 12.09 10.28 -4.81
CA PRO A 148 12.73 11.59 -4.93
C PRO A 148 13.12 11.92 -6.39
N LEU A 149 12.94 13.17 -6.84
CA LEU A 149 12.93 13.50 -8.30
C LEU A 149 14.21 13.03 -8.99
N GLY A 150 15.38 13.23 -8.39
CA GLY A 150 16.66 12.84 -9.00
C GLY A 150 17.01 11.35 -8.87
N SER A 151 16.24 10.57 -8.10
CA SER A 151 16.71 9.27 -7.55
C SER A 151 16.95 8.27 -8.68
N PRO A 152 18.08 7.53 -8.68
CA PRO A 152 18.26 6.44 -9.62
C PRO A 152 17.18 5.36 -9.49
N LEU A 153 16.47 5.33 -8.35
CA LEU A 153 15.41 4.32 -8.09
C LEU A 153 14.03 4.88 -8.43
N ALA A 154 13.93 6.17 -8.75
CA ALA A 154 12.61 6.81 -9.00
C ALA A 154 12.11 6.41 -10.40
N LYS A 155 10.79 6.46 -10.60
CA LYS A 155 10.14 6.27 -11.91
C LYS A 155 9.08 7.36 -12.09
N ILE A 156 8.87 7.81 -13.31
CA ILE A 156 7.92 8.90 -13.63
C ILE A 156 6.65 8.33 -14.26
N GLY A 157 5.53 8.91 -13.87
CA GLY A 157 4.23 8.67 -14.50
C GLY A 157 3.58 9.95 -14.97
N ILE A 158 2.64 9.82 -15.88
CA ILE A 158 1.68 10.90 -16.23
C ILE A 158 0.30 10.32 -15.99
N GLU A 159 -0.47 10.92 -15.09
CA GLU A 159 -1.88 10.51 -14.89
C GLU A 159 -2.82 11.55 -15.49
N LEU A 160 -3.67 11.08 -16.40
CA LEU A 160 -4.81 11.85 -16.94
C LEU A 160 -6.01 11.46 -16.09
N THR A 161 -6.75 12.43 -15.59
CA THR A 161 -7.96 12.19 -14.76
C THR A 161 -8.97 13.30 -15.02
N ASP A 162 -10.23 12.97 -14.83
CA ASP A 162 -11.32 13.98 -14.81
C ASP A 162 -11.76 14.26 -13.36
N SER A 163 -10.96 13.87 -12.36
CA SER A 163 -11.30 14.06 -10.92
C SER A 163 -10.36 15.05 -10.25
N PRO A 164 -10.87 16.24 -9.85
CA PRO A 164 -10.10 17.14 -8.98
C PRO A 164 -9.68 16.48 -7.67
N TYR A 165 -10.50 15.60 -7.10
CA TYR A 165 -10.16 14.85 -5.86
C TYR A 165 -8.87 14.06 -6.10
N VAL A 166 -8.76 13.41 -7.25
CA VAL A 166 -7.52 12.66 -7.61
C VAL A 166 -6.35 13.64 -7.71
N VAL A 167 -6.54 14.78 -8.36
CA VAL A 167 -5.41 15.75 -8.50
C VAL A 167 -4.91 16.15 -7.11
N ALA A 168 -5.82 16.55 -6.23
CA ALA A 168 -5.45 17.04 -4.88
C ALA A 168 -4.73 15.93 -4.11
N SER A 169 -5.28 14.71 -4.17
CA SER A 169 -4.74 13.54 -3.45
C SER A 169 -3.39 13.11 -4.05
N MET A 170 -3.24 13.19 -5.37
CA MET A 170 -1.94 12.87 -6.01
C MET A 170 -0.88 13.91 -5.61
N ARG A 171 -1.26 15.15 -5.39
CA ARG A 171 -0.27 16.18 -4.96
C ARG A 171 0.34 15.75 -3.62
N ILE A 172 -0.47 15.19 -2.73
CA ILE A 172 -0.03 14.73 -1.38
C ILE A 172 0.79 13.45 -1.56
N MET A 173 0.28 12.50 -2.33
CA MET A 173 0.82 11.12 -2.30
C MET A 173 2.00 10.90 -3.25
N THR A 174 2.22 11.82 -4.19
CA THR A 174 3.34 11.75 -5.16
C THR A 174 4.02 13.11 -5.20
N ARG A 175 5.17 13.20 -5.85
CA ARG A 175 5.77 14.51 -6.18
C ARG A 175 5.27 14.91 -7.56
N MET A 176 4.44 15.95 -7.65
CA MET A 176 3.87 16.27 -8.98
C MET A 176 4.03 17.73 -9.35
N GLY A 177 4.12 17.95 -10.67
CA GLY A 177 4.10 19.30 -11.24
C GLY A 177 5.19 19.54 -12.24
N THR A 178 5.45 20.82 -12.52
CA THR A 178 6.27 21.22 -13.68
C THR A 178 7.68 20.63 -13.59
N SER A 179 8.29 20.59 -12.39
CA SER A 179 9.67 20.08 -12.20
C SER A 179 9.76 18.64 -12.74
N VAL A 180 8.68 17.86 -12.64
CA VAL A 180 8.68 16.46 -13.11
C VAL A 180 8.74 16.42 -14.65
N LEU A 181 7.94 17.27 -15.34
CA LEU A 181 8.00 17.35 -16.82
C LEU A 181 9.41 17.72 -17.27
N GLU A 182 10.01 18.70 -16.61
CA GLU A 182 11.35 19.22 -17.01
C GLU A 182 12.40 18.12 -16.83
N ALA A 183 12.29 17.35 -15.75
CA ALA A 183 13.17 16.22 -15.39
C ALA A 183 12.97 15.05 -16.38
N LEU A 184 11.72 14.76 -16.76
CA LEU A 184 11.40 13.60 -17.65
C LEU A 184 12.06 13.78 -19.01
N GLY A 185 11.96 14.97 -19.60
CA GLY A 185 12.38 15.21 -21.01
C GLY A 185 11.84 14.13 -21.92
N ASP A 186 12.68 13.51 -22.75
CA ASP A 186 12.25 12.47 -23.74
C ASP A 186 12.36 11.07 -23.13
N GLY A 187 12.46 10.96 -21.80
CA GLY A 187 12.53 9.67 -21.08
C GLY A 187 11.24 8.88 -21.12
N GLU A 188 11.34 7.63 -20.69
CA GLU A 188 10.19 6.70 -20.55
C GLU A 188 9.35 7.12 -19.34
N PHE A 189 8.05 6.88 -19.42
CA PHE A 189 7.13 7.13 -18.30
C PHE A 189 5.99 6.12 -18.37
N ILE A 190 5.35 5.93 -17.23
CA ILE A 190 4.15 5.06 -17.12
C ILE A 190 2.93 5.90 -17.47
N LYS A 191 2.16 5.43 -18.45
CA LYS A 191 0.95 6.10 -18.95
C LYS A 191 -0.21 5.68 -18.07
N CYS A 192 -0.80 6.62 -17.32
CA CYS A 192 -1.88 6.36 -16.34
C CYS A 192 -3.13 7.11 -16.81
N LEU A 193 -4.18 6.38 -17.16
CA LEU A 193 -5.43 6.98 -17.65
C LEU A 193 -6.54 6.63 -16.68
N HIS A 194 -7.24 7.64 -16.17
CA HIS A 194 -8.34 7.48 -15.20
C HIS A 194 -9.54 8.31 -15.63
N SER A 195 -10.74 7.73 -15.53
CA SER A 195 -12.00 8.50 -15.62
C SER A 195 -12.97 7.97 -14.56
N VAL A 196 -13.73 8.88 -13.95
CA VAL A 196 -14.86 8.51 -13.07
C VAL A 196 -15.98 7.89 -13.91
N GLY A 197 -15.96 8.04 -15.25
CA GLY A 197 -16.93 7.36 -16.14
C GLY A 197 -18.32 7.94 -16.07
N CYS A 198 -18.44 9.25 -15.89
CA CYS A 198 -19.72 10.00 -15.80
C CYS A 198 -19.67 11.22 -16.70
N PRO A 199 -19.61 11.02 -18.04
CA PRO A 199 -19.65 12.16 -18.96
C PRO A 199 -20.92 12.99 -18.74
N LEU A 200 -20.81 14.29 -19.02
CA LEU A 200 -21.97 15.21 -18.92
C LEU A 200 -22.58 15.33 -20.32
N PRO A 201 -23.92 15.42 -20.43
CA PRO A 201 -24.82 15.41 -19.30
C PRO A 201 -24.97 14.03 -18.64
N LEU A 202 -25.13 14.01 -17.32
CA LEU A 202 -25.13 12.75 -16.54
C LEU A 202 -26.28 11.88 -17.01
N LYS A 203 -25.98 10.61 -17.26
CA LYS A 203 -26.99 9.61 -17.69
C LYS A 203 -27.63 8.99 -16.45
N LYS A 204 -26.95 9.03 -15.30
CA LYS A 204 -27.45 8.39 -14.06
C LYS A 204 -27.33 9.35 -12.89
N PRO A 205 -28.11 9.13 -11.80
CA PRO A 205 -28.10 10.01 -10.63
C PRO A 205 -26.70 10.15 -10.03
N LEU A 206 -26.37 11.38 -9.65
CA LEU A 206 -25.14 11.66 -8.89
C LEU A 206 -25.49 11.54 -7.41
N VAL A 207 -24.79 10.68 -6.68
CA VAL A 207 -25.00 10.43 -5.23
C VAL A 207 -23.87 11.13 -4.46
N ASN A 208 -24.24 11.96 -3.48
CA ASN A 208 -23.31 12.60 -2.51
C ASN A 208 -22.22 13.38 -3.28
N ASN A 209 -22.58 13.99 -4.41
CA ASN A 209 -21.63 14.82 -5.20
C ASN A 209 -20.36 14.03 -5.48
N TRP A 210 -20.49 12.73 -5.72
CA TRP A 210 -19.33 11.81 -5.89
C TRP A 210 -19.50 11.03 -7.18
N ALA A 211 -18.87 11.47 -8.26
CA ALA A 211 -18.98 10.85 -9.59
C ALA A 211 -18.30 9.48 -9.60
N CYS A 212 -19.03 8.45 -10.00
CA CYS A 212 -18.53 7.07 -10.14
C CYS A 212 -19.48 6.27 -11.04
N ASN A 213 -18.98 5.14 -11.51
CA ASN A 213 -19.75 4.22 -12.39
C ASN A 213 -19.47 2.82 -11.89
N PRO A 214 -20.13 2.38 -10.79
CA PRO A 214 -19.79 1.09 -10.18
C PRO A 214 -19.93 -0.08 -11.17
N GLU A 215 -20.96 -0.08 -12.01
CA GLU A 215 -21.25 -1.23 -12.89
C GLU A 215 -20.09 -1.44 -13.88
N LEU A 216 -19.42 -0.36 -14.32
CA LEU A 216 -18.36 -0.44 -15.34
C LEU A 216 -16.98 -0.26 -14.70
N THR A 217 -16.88 -0.33 -13.38
CA THR A 217 -15.59 -0.12 -12.69
C THR A 217 -14.61 -1.20 -13.16
N LEU A 218 -13.42 -0.80 -13.61
CA LEU A 218 -12.40 -1.73 -14.12
C LEU A 218 -11.04 -1.06 -13.93
N ILE A 219 -10.13 -1.73 -13.23
CA ILE A 219 -8.78 -1.20 -12.95
C ILE A 219 -7.78 -2.11 -13.63
N ALA A 220 -7.24 -1.69 -14.76
CA ALA A 220 -6.43 -2.53 -15.66
C ALA A 220 -4.97 -2.10 -15.69
N HIS A 221 -4.09 -3.07 -15.84
CA HIS A 221 -2.62 -2.90 -15.93
C HIS A 221 -2.11 -3.64 -17.16
N LEU A 222 -1.38 -2.94 -18.02
CA LEU A 222 -0.81 -3.51 -19.26
C LEU A 222 0.70 -3.32 -19.15
N PRO A 223 1.42 -4.19 -18.40
CA PRO A 223 2.84 -3.96 -18.11
C PRO A 223 3.71 -3.91 -19.37
N ASP A 224 3.35 -4.67 -20.40
CA ASP A 224 4.09 -4.74 -21.68
C ASP A 224 3.97 -3.39 -22.41
N ARG A 225 2.87 -2.64 -22.21
CA ARG A 225 2.64 -1.31 -22.85
C ARG A 225 2.96 -0.17 -21.86
N ARG A 226 3.35 -0.51 -20.63
CA ARG A 226 3.66 0.49 -19.56
C ARG A 226 2.43 1.38 -19.36
N GLU A 227 1.25 0.78 -19.27
CA GLU A 227 -0.03 1.52 -19.16
C GLU A 227 -0.82 1.00 -17.97
N ILE A 228 -1.47 1.93 -17.26
CA ILE A 228 -2.52 1.68 -16.25
C ILE A 228 -3.75 2.41 -16.75
N ILE A 229 -4.87 1.71 -16.84
CA ILE A 229 -6.13 2.27 -17.37
C ILE A 229 -7.23 1.93 -16.37
N SER A 230 -7.81 2.93 -15.74
CA SER A 230 -8.77 2.76 -14.62
C SER A 230 -10.04 3.55 -14.89
N PHE A 231 -11.19 2.90 -14.83
CA PHE A 231 -12.50 3.50 -15.15
C PHE A 231 -13.50 3.24 -14.03
N GLY A 232 -14.25 4.26 -13.64
CA GLY A 232 -15.52 4.10 -12.92
C GLY A 232 -15.43 4.25 -11.42
N SER A 233 -14.24 4.22 -10.80
CA SER A 233 -14.10 4.48 -9.35
C SER A 233 -13.28 5.76 -9.16
N GLY A 234 -13.73 6.59 -8.23
CA GLY A 234 -12.95 7.78 -7.81
C GLY A 234 -12.11 7.51 -6.58
N TYR A 235 -12.08 6.28 -6.07
CA TYR A 235 -11.56 5.98 -4.71
C TYR A 235 -10.12 5.45 -4.72
N GLY A 236 -9.28 6.06 -3.86
CA GLY A 236 -8.05 5.47 -3.31
C GLY A 236 -7.24 4.65 -4.30
N GLY A 237 -7.07 3.37 -4.06
CA GLY A 237 -6.19 2.53 -4.89
C GLY A 237 -6.74 2.29 -6.29
N ASN A 238 -7.99 2.65 -6.56
CA ASN A 238 -8.55 2.58 -7.93
C ASN A 238 -8.24 3.84 -8.76
N SER A 239 -8.02 4.99 -8.13
CA SER A 239 -7.99 6.30 -8.83
C SER A 239 -6.64 6.99 -8.66
N LEU A 240 -5.98 6.79 -7.52
CA LEU A 240 -4.65 7.37 -7.25
C LEU A 240 -3.64 6.38 -7.81
N LEU A 241 -3.31 6.51 -9.08
CA LEU A 241 -2.71 5.38 -9.82
C LEU A 241 -1.24 5.18 -9.42
N GLY A 242 -0.63 6.11 -8.69
CA GLY A 242 0.66 5.82 -8.05
C GLY A 242 0.55 4.78 -6.92
N LYS A 243 -0.56 4.77 -6.17
CA LYS A 243 -0.70 4.16 -4.79
CA LYS A 243 -0.74 4.16 -4.81
C LYS A 243 -0.46 2.64 -4.79
N LYS A 244 -1.05 1.89 -5.73
CA LYS A 244 -0.92 0.40 -5.85
C LYS A 244 -0.67 -0.01 -7.30
N CYS A 245 -1.40 0.59 -8.25
CA CYS A 245 -1.34 0.22 -9.68
C CYS A 245 0.10 0.37 -10.19
N PHE A 246 0.75 1.52 -9.94
CA PHE A 246 2.15 1.78 -10.31
C PHE A 246 3.08 1.19 -9.23
N ALA A 247 2.90 1.62 -7.98
CA ALA A 247 3.79 1.34 -6.82
C ALA A 247 4.07 -0.16 -6.70
N LEU A 248 3.07 -1.01 -6.89
CA LEU A 248 3.23 -2.48 -6.70
C LEU A 248 3.02 -3.24 -8.01
N ARG A 249 1.93 -3.04 -8.76
CA ARG A 249 1.65 -3.99 -9.87
C ARG A 249 2.60 -3.76 -11.05
N ILE A 250 2.63 -2.56 -11.63
CA ILE A 250 3.58 -2.26 -12.72
C ILE A 250 5.02 -2.36 -12.19
N ALA A 251 5.30 -1.74 -11.05
CA ALA A 251 6.70 -1.66 -10.54
C ALA A 251 7.23 -3.06 -10.25
N SER A 252 6.40 -4.01 -9.80
CA SER A 252 6.93 -5.35 -9.45
C SER A 252 7.40 -6.04 -10.75
N ARG A 253 6.71 -5.78 -11.86
CA ARG A 253 7.09 -6.34 -13.19
C ARG A 253 8.37 -5.64 -13.66
N LEU A 254 8.43 -4.31 -13.57
CA LEU A 254 9.68 -3.55 -13.92
C LEU A 254 10.83 -4.10 -13.07
N ALA A 255 10.57 -4.31 -11.78
CA ALA A 255 11.57 -4.81 -10.81
C ALA A 255 12.13 -6.17 -11.24
N LYS A 256 11.24 -7.06 -11.66
CA LYS A 256 11.61 -8.41 -12.17
C LYS A 256 12.52 -8.25 -13.39
N GLU A 257 12.15 -7.35 -14.30
CA GLU A 257 12.90 -7.11 -15.57
C GLU A 257 14.29 -6.56 -15.24
N GLU A 258 14.39 -5.70 -14.22
CA GLU A 258 15.56 -4.80 -14.02
C GLU A 258 16.43 -5.23 -12.81
N GLY A 259 16.03 -6.23 -12.03
CA GLY A 259 16.85 -6.82 -10.95
C GLY A 259 16.63 -6.20 -9.58
N TRP A 260 15.48 -5.59 -9.33
CA TRP A 260 15.19 -4.95 -8.02
C TRP A 260 13.86 -5.48 -7.47
N LEU A 261 13.37 -4.89 -6.37
CA LEU A 261 12.16 -5.38 -5.68
C LEU A 261 11.22 -4.21 -5.44
N ALA A 262 9.93 -4.41 -5.74
CA ALA A 262 8.87 -3.45 -5.40
C ALA A 262 7.90 -4.16 -4.47
N GLU A 263 7.81 -3.71 -3.23
CA GLU A 263 7.23 -4.55 -2.15
C GLU A 263 6.25 -3.75 -1.32
N HIS A 264 5.32 -4.48 -0.71
CA HIS A 264 4.28 -3.93 0.18
C HIS A 264 4.87 -3.82 1.59
N MET A 265 5.84 -2.91 1.76
CA MET A 265 6.60 -2.82 3.02
C MET A 265 6.70 -1.38 3.53
N LEU A 266 6.50 -1.23 4.84
CA LEU A 266 6.96 0.00 5.54
C LEU A 266 8.49 -0.02 5.58
N ILE A 267 9.06 1.14 5.79
CA ILE A 267 10.52 1.32 6.06
C ILE A 267 10.62 2.21 7.30
N LEU A 268 11.37 1.75 8.29
CA LEU A 268 11.64 2.58 9.48
C LEU A 268 13.13 2.54 9.79
N GLY A 269 13.59 3.60 10.45
CA GLY A 269 14.93 3.68 11.03
C GLY A 269 14.85 3.56 12.54
N ILE A 270 15.64 2.70 13.15
CA ILE A 270 15.64 2.51 14.63
C ILE A 270 17.05 2.78 15.15
N THR A 271 17.14 3.61 16.20
CA THR A 271 18.43 3.98 16.84
C THR A 271 18.41 3.45 18.27
N ASN A 272 19.50 2.81 18.69
CA ASN A 272 19.60 2.17 20.02
C ASN A 272 20.31 3.15 20.97
N PRO A 273 20.37 2.79 22.27
CA PRO A 273 21.02 3.63 23.27
C PRO A 273 22.54 3.77 23.11
N GLU A 274 23.14 2.96 22.24
CA GLU A 274 24.60 2.96 21.95
C GLU A 274 24.87 3.82 20.70
N GLY A 275 23.86 4.55 20.21
CA GLY A 275 23.99 5.49 19.08
C GLY A 275 24.17 4.78 17.75
N LYS A 276 23.68 3.56 17.62
CA LYS A 276 23.72 2.80 16.34
C LYS A 276 22.34 2.84 15.71
N LYS A 277 22.27 3.04 14.40
CA LYS A 277 20.97 3.12 13.68
C LYS A 277 20.90 2.05 12.61
N LYS A 278 19.74 1.41 12.49
CA LYS A 278 19.48 0.40 11.43
C LYS A 278 18.14 0.68 10.77
N TYR A 279 18.05 0.41 9.46
CA TYR A 279 16.77 0.47 8.75
C TYR A 279 16.20 -0.94 8.60
N LEU A 280 14.90 -1.06 8.82
CA LEU A 280 14.13 -2.32 8.71
C LEU A 280 12.96 -2.08 7.76
N ALA A 281 12.57 -3.12 7.04
CA ALA A 281 11.35 -3.10 6.21
C ALA A 281 10.39 -4.14 6.76
N ALA A 282 9.09 -3.90 6.67
CA ALA A 282 8.12 -4.91 7.15
C ALA A 282 6.90 -4.98 6.24
N ALA A 283 6.51 -6.20 5.90
CA ALA A 283 5.33 -6.53 5.07
C ALA A 283 4.28 -7.21 5.94
N PHE A 284 3.17 -6.52 6.16
CA PHE A 284 2.00 -7.06 6.91
C PHE A 284 0.76 -6.93 6.03
N PRO A 285 -0.19 -7.88 6.12
CA PRO A 285 -1.49 -7.71 5.48
C PRO A 285 -2.29 -6.61 6.19
N SER A 286 -3.57 -6.50 5.82
CA SER A 286 -4.57 -5.54 6.37
C SER A 286 -4.77 -5.80 7.87
N ALA A 287 -4.99 -4.73 8.65
CA ALA A 287 -5.45 -4.78 10.05
C ALA A 287 -4.40 -5.44 10.95
N CYS A 288 -3.11 -5.28 10.62
CA CYS A 288 -1.97 -5.83 11.40
C CYS A 288 -1.06 -4.71 11.93
N GLY A 289 -1.31 -3.46 11.52
CA GLY A 289 -0.69 -2.26 12.13
C GLY A 289 0.62 -1.83 11.50
N LYS A 290 0.77 -1.83 10.16
CA LYS A 290 1.97 -1.28 9.49
C LYS A 290 2.19 0.20 9.85
N THR A 291 1.20 1.06 9.63
CA THR A 291 1.33 2.51 9.92
C THR A 291 1.70 2.67 11.41
N ASN A 292 1.11 1.89 12.30
CA ASN A 292 1.39 1.93 13.76
C ASN A 292 2.86 1.58 14.03
N LEU A 293 3.40 0.55 13.38
CA LEU A 293 4.83 0.16 13.53
C LEU A 293 5.74 1.22 12.93
N ALA A 294 5.42 1.70 11.71
CA ALA A 294 6.26 2.65 10.94
C ALA A 294 6.45 3.94 11.74
N MET A 295 5.48 4.28 12.58
CA MET A 295 5.46 5.55 13.35
C MET A 295 5.54 5.30 14.85
N MET A 296 6.00 4.12 15.24
CA MET A 296 6.02 3.70 16.66
C MET A 296 6.66 4.77 17.54
N ASN A 297 6.03 5.01 18.68
CA ASN A 297 6.63 5.70 19.83
C ASN A 297 7.14 4.64 20.80
N PRO A 298 8.45 4.31 20.79
CA PRO A 298 8.98 3.21 21.59
C PRO A 298 8.85 3.50 23.09
N THR A 299 8.54 2.48 23.87
CA THR A 299 8.49 2.58 25.35
C THR A 299 9.87 2.42 25.97
N LEU A 300 10.84 1.83 25.27
CA LEU A 300 12.16 1.53 25.92
C LEU A 300 12.95 2.83 25.96
N PRO A 301 13.51 3.23 27.12
CA PRO A 301 14.34 4.43 27.17
C PRO A 301 15.58 4.30 26.27
N GLY A 302 15.92 5.37 25.57
CA GLY A 302 17.17 5.48 24.77
C GLY A 302 17.00 4.95 23.37
N TRP A 303 15.80 4.49 23.00
CA TRP A 303 15.47 3.98 21.64
C TRP A 303 14.65 5.02 20.88
N LYS A 304 14.90 5.16 19.59
CA LYS A 304 14.18 6.12 18.72
C LYS A 304 13.76 5.38 17.46
N VAL A 305 12.50 5.53 17.07
CA VAL A 305 11.99 5.05 15.76
C VAL A 305 11.67 6.26 14.89
N GLU A 306 12.07 6.21 13.63
CA GLU A 306 11.76 7.26 12.65
C GLU A 306 11.19 6.59 11.40
N CYS A 307 10.28 7.29 10.72
CA CYS A 307 9.49 6.72 9.60
C CYS A 307 10.08 7.15 8.26
N VAL A 308 10.42 6.19 7.40
CA VAL A 308 10.74 6.47 5.97
C VAL A 308 9.48 6.34 5.11
N GLY A 309 8.68 5.29 5.32
CA GLY A 309 7.40 5.09 4.64
C GLY A 309 6.53 4.11 5.38
N ASP A 310 5.22 4.12 5.14
CA ASP A 310 4.29 3.20 5.83
C ASP A 310 3.68 2.17 4.89
N ASP A 311 4.08 2.08 3.60
CA ASP A 311 3.28 1.20 2.71
C ASP A 311 4.11 0.51 1.63
N ILE A 312 4.91 1.24 0.85
CA ILE A 312 5.62 0.73 -0.35
C ILE A 312 7.11 0.93 -0.16
N ALA A 313 7.88 -0.06 -0.58
CA ALA A 313 9.35 0.01 -0.58
C ALA A 313 9.82 -0.43 -1.96
N TRP A 314 10.69 0.35 -2.56
CA TRP A 314 11.42 -0.01 -3.79
C TRP A 314 12.86 -0.22 -3.38
N MET A 315 13.38 -1.42 -3.57
CA MET A 315 14.69 -1.84 -3.01
C MET A 315 15.58 -2.42 -4.11
N LYS A 316 16.85 -2.04 -4.11
CA LYS A 316 17.81 -2.55 -5.13
CA LYS A 316 17.82 -2.49 -5.15
C LYS A 316 19.18 -2.72 -4.47
N PHE A 317 19.75 -3.92 -4.62
CA PHE A 317 21.14 -4.21 -4.16
C PHE A 317 22.06 -3.33 -5.01
N ASP A 318 22.90 -2.49 -4.38
CA ASP A 318 23.84 -1.57 -5.08
C ASP A 318 25.13 -2.33 -5.37
N ALA A 319 26.09 -1.66 -6.01
CA ALA A 319 27.38 -2.25 -6.43
C ALA A 319 28.12 -2.81 -5.22
N GLN A 320 27.88 -2.26 -4.03
CA GLN A 320 28.55 -2.63 -2.76
C GLN A 320 27.80 -3.76 -2.07
N GLY A 321 26.63 -4.17 -2.56
CA GLY A 321 25.88 -5.30 -1.99
C GLY A 321 24.85 -4.86 -0.94
N ASN A 322 24.71 -3.57 -0.67
CA ASN A 322 23.71 -3.08 0.30
C ASN A 322 22.34 -3.06 -0.36
N LEU A 323 21.31 -3.46 0.38
CA LEU A 323 19.93 -3.43 -0.16
C LEU A 323 19.38 -2.03 0.10
N ARG A 324 19.43 -1.16 -0.90
CA ARG A 324 19.08 0.26 -0.74
C ARG A 324 17.59 0.42 -1.07
N ALA A 325 16.84 1.05 -0.18
CA ALA A 325 15.37 1.18 -0.30
C ALA A 325 14.96 2.65 -0.33
N ILE A 326 14.02 2.98 -1.20
CA ILE A 326 13.28 4.28 -1.11
C ILE A 326 11.81 4.01 -0.84
N ASN A 327 11.19 4.96 -0.19
CA ASN A 327 9.72 5.10 -0.19
C ASN A 327 9.38 5.86 -1.46
N PRO A 328 8.69 5.24 -2.44
CA PRO A 328 8.38 5.96 -3.68
C PRO A 328 7.21 6.94 -3.53
N GLU A 329 6.60 7.03 -2.35
CA GLU A 329 5.42 7.90 -2.12
C GLU A 329 5.85 9.19 -1.42
N ASN A 330 4.93 10.13 -1.33
CA ASN A 330 5.20 11.49 -0.80
C ASN A 330 4.28 11.77 0.39
N GLY A 331 3.40 10.82 0.71
CA GLY A 331 2.34 11.02 1.71
C GLY A 331 1.94 9.70 2.32
N PHE A 332 1.13 9.77 3.35
CA PHE A 332 0.52 8.59 4.00
C PHE A 332 -0.97 8.60 3.68
N PHE A 333 -1.49 7.46 3.21
CA PHE A 333 -2.92 7.25 2.92
C PHE A 333 -3.43 6.20 3.92
N GLY A 334 -3.56 6.62 5.18
CA GLY A 334 -3.76 5.71 6.31
C GLY A 334 -5.22 5.39 6.56
N VAL A 335 -5.48 4.21 7.11
CA VAL A 335 -6.83 3.83 7.60
C VAL A 335 -7.12 4.68 8.83
N ALA A 336 -8.23 5.41 8.82
CA ALA A 336 -8.53 6.36 9.92
C ALA A 336 -9.06 5.61 11.14
N PRO A 337 -10.08 4.72 11.02
CA PRO A 337 -10.57 4.04 12.23
C PRO A 337 -9.46 3.26 12.96
N GLY A 338 -9.49 3.33 14.30
CA GLY A 338 -8.48 2.71 15.17
C GLY A 338 -7.26 3.59 15.39
N THR A 339 -7.17 4.75 14.74
CA THR A 339 -6.07 5.73 14.92
C THR A 339 -6.37 6.56 16.18
N SER A 340 -5.59 6.40 17.23
CA SER A 340 -5.80 7.14 18.51
C SER A 340 -4.47 7.66 19.02
N VAL A 341 -4.50 8.51 20.04
CA VAL A 341 -3.26 8.94 20.76
C VAL A 341 -2.56 7.70 21.35
N LYS A 342 -3.30 6.66 21.76
CA LYS A 342 -2.73 5.41 22.33
C LYS A 342 -2.09 4.56 21.23
N THR A 343 -2.75 4.37 20.09
CA THR A 343 -2.28 3.45 19.02
C THR A 343 -1.26 4.15 18.13
N ASN A 344 -1.38 5.47 17.89
CA ASN A 344 -0.51 6.17 16.91
C ASN A 344 -0.49 7.67 17.19
N PRO A 345 0.20 8.11 18.26
CA PRO A 345 0.29 9.52 18.59
C PRO A 345 0.96 10.35 17.49
N ASN A 346 1.94 9.79 16.77
CA ASN A 346 2.63 10.53 15.68
C ASN A 346 1.68 10.73 14.49
N ALA A 347 0.79 9.79 14.17
CA ALA A 347 -0.22 9.98 13.10
C ALA A 347 -1.18 11.10 13.51
N ILE A 348 -1.60 11.12 14.76
CA ILE A 348 -2.54 12.17 15.29
C ILE A 348 -1.90 13.53 15.07
N LYS A 349 -0.59 13.67 15.32
CA LYS A 349 0.14 14.95 15.14
C LYS A 349 0.17 15.32 13.65
N THR A 350 0.37 14.32 12.77
CA THR A 350 0.62 14.55 11.33
C THR A 350 -0.62 15.14 10.65
N ILE A 351 -1.81 14.68 11.03
CA ILE A 351 -3.06 14.81 10.23
C ILE A 351 -3.85 16.05 10.64
N GLN A 352 -3.27 16.91 11.46
CA GLN A 352 -4.01 18.09 11.97
C GLN A 352 -3.76 19.29 11.06
N LYS A 353 -3.00 19.15 9.97
CA LYS A 353 -2.94 20.23 8.97
C LYS A 353 -2.76 19.65 7.57
N ASN A 354 -3.29 20.38 6.57
CA ASN A 354 -3.01 20.10 5.14
C ASN A 354 -3.39 18.64 4.81
N THR A 355 -4.46 18.14 5.40
CA THR A 355 -4.85 16.71 5.28
C THR A 355 -6.23 16.61 4.65
N ILE A 356 -6.40 15.67 3.72
CA ILE A 356 -7.72 15.34 3.13
C ILE A 356 -8.21 14.04 3.78
N PHE A 357 -9.40 14.09 4.36
CA PHE A 357 -10.06 12.92 4.97
C PHE A 357 -11.18 12.44 4.04
N THR A 358 -11.37 11.14 3.94
CA THR A 358 -12.45 10.53 3.13
C THR A 358 -13.26 9.56 3.98
N ASN A 359 -14.57 9.83 4.10
CA ASN A 359 -15.59 8.90 4.69
C ASN A 359 -15.39 8.75 6.19
N VAL A 360 -14.86 9.77 6.87
CA VAL A 360 -14.87 9.84 8.36
C VAL A 360 -16.07 10.66 8.80
N ALA A 361 -16.39 10.59 10.09
CA ALA A 361 -17.45 11.39 10.71
C ALA A 361 -16.93 12.81 10.93
N GLU A 362 -17.83 13.77 11.01
CA GLU A 362 -17.48 15.19 11.29
C GLU A 362 -18.17 15.63 12.58
N THR A 363 -17.41 16.21 13.48
CA THR A 363 -17.93 16.80 14.73
C THR A 363 -18.53 18.17 14.41
N SER A 364 -19.46 18.67 15.25
CA SER A 364 -20.21 19.93 15.01
C SER A 364 -19.27 21.15 15.05
N ASP A 365 -18.09 21.02 15.66
CA ASP A 365 -17.04 22.08 15.72
C ASP A 365 -16.04 21.92 14.58
N GLY A 366 -16.32 21.06 13.60
CA GLY A 366 -15.56 20.95 12.35
C GLY A 366 -14.32 20.08 12.52
N GLY A 367 -14.39 19.10 13.42
CA GLY A 367 -13.33 18.09 13.64
C GLY A 367 -13.69 16.76 13.01
N VAL A 368 -12.83 15.77 13.18
CA VAL A 368 -13.04 14.41 12.61
C VAL A 368 -13.28 13.42 13.75
N TYR A 369 -14.01 12.36 13.44
CA TYR A 369 -14.28 11.26 14.39
C TYR A 369 -14.33 9.95 13.63
N TRP A 370 -14.00 8.87 14.34
CA TRP A 370 -14.06 7.49 13.83
C TRP A 370 -14.03 6.51 14.99
N GLU A 371 -14.50 5.29 14.74
CA GLU A 371 -14.37 4.13 15.65
C GLU A 371 -12.92 4.03 16.09
N GLY A 372 -12.67 3.89 17.40
CA GLY A 372 -11.33 3.65 17.96
C GLY A 372 -10.52 4.93 18.11
N ILE A 373 -11.12 6.10 17.92
CA ILE A 373 -10.38 7.38 18.13
C ILE A 373 -10.06 7.52 19.62
N ASP A 374 -10.86 6.90 20.49
CA ASP A 374 -10.56 6.69 21.94
C ASP A 374 -10.24 8.06 22.56
N GLU A 375 -11.10 9.03 22.28
CA GLU A 375 -11.01 10.44 22.71
C GLU A 375 -12.43 10.98 22.92
N PRO A 376 -12.81 11.43 24.13
CA PRO A 376 -14.17 11.94 24.35
C PRO A 376 -14.40 13.33 23.72
N LEU A 377 -15.66 13.61 23.39
CA LEU A 377 -16.09 14.95 22.92
C LEU A 377 -16.67 15.72 24.09
N ALA A 378 -16.33 17.02 24.20
CA ALA A 378 -16.85 17.96 25.21
C ALA A 378 -18.38 17.95 25.17
N PRO A 379 -19.08 18.10 26.32
CA PRO A 379 -20.54 18.19 26.28
C PRO A 379 -20.94 19.29 25.28
N GLY A 380 -21.86 18.99 24.36
CA GLY A 380 -22.35 19.89 23.31
C GLY A 380 -21.94 19.46 21.91
N VAL A 381 -20.80 18.80 21.76
CA VAL A 381 -20.25 18.45 20.42
C VAL A 381 -20.99 17.22 19.89
N THR A 382 -21.62 17.34 18.72
CA THR A 382 -22.44 16.28 18.07
C THR A 382 -21.69 15.75 16.85
N ILE A 383 -22.14 14.63 16.30
CA ILE A 383 -21.45 13.88 15.21
C ILE A 383 -22.39 13.74 14.02
N THR A 384 -21.90 14.11 12.83
CA THR A 384 -22.46 13.74 11.51
C THR A 384 -21.65 12.54 11.01
N SER A 385 -22.32 11.43 10.70
CA SER A 385 -21.67 10.21 10.20
C SER A 385 -21.11 10.48 8.80
N TRP A 386 -20.36 9.51 8.28
CA TRP A 386 -19.79 9.55 6.92
C TRP A 386 -20.93 9.48 5.89
N LYS A 387 -22.15 9.11 6.31
CA LYS A 387 -23.35 9.05 5.44
C LYS A 387 -24.15 10.35 5.54
N ASN A 388 -23.58 11.39 6.15
CA ASN A 388 -24.16 12.74 6.30
C ASN A 388 -25.51 12.65 7.05
N LYS A 389 -25.55 11.86 8.13
CA LYS A 389 -26.72 11.77 9.05
C LYS A 389 -26.25 11.95 10.49
N GLU A 390 -27.08 12.56 11.33
CA GLU A 390 -26.81 12.70 12.80
C GLU A 390 -26.55 11.30 13.35
N TRP A 391 -25.57 11.17 14.26
CA TRP A 391 -25.05 9.88 14.78
C TRP A 391 -24.68 10.00 16.27
N ARG A 392 -25.03 8.98 17.07
CA ARG A 392 -24.76 8.90 18.53
C ARG A 392 -23.95 7.64 18.84
N PRO A 393 -23.00 7.67 19.81
CA PRO A 393 -22.18 6.51 20.15
C PRO A 393 -22.92 5.16 20.34
N GLN A 394 -24.21 5.18 20.71
CA GLN A 394 -25.00 3.94 20.94
C GLN A 394 -25.57 3.41 19.60
N ASP A 395 -25.71 4.27 18.59
CA ASP A 395 -26.10 3.88 17.21
C ASP A 395 -25.26 2.66 16.81
N GLU A 396 -25.84 1.74 16.03
CA GLU A 396 -25.30 0.36 15.83
C GLU A 396 -24.48 0.27 14.54
N GLU A 397 -24.57 1.25 13.63
CA GLU A 397 -23.67 1.36 12.45
C GLU A 397 -22.51 2.28 12.83
N PRO A 398 -21.30 2.09 12.24
CA PRO A 398 -20.19 2.97 12.57
C PRO A 398 -20.38 4.39 12.01
N CYS A 399 -19.75 5.37 12.66
CA CYS A 399 -19.79 6.81 12.28
C CYS A 399 -18.86 7.04 11.09
N ALA A 400 -17.83 6.20 10.94
CA ALA A 400 -16.88 6.28 9.82
C ALA A 400 -16.89 4.96 9.03
N HIS A 401 -16.71 5.01 7.71
CA HIS A 401 -16.60 3.76 6.92
C HIS A 401 -15.37 3.00 7.39
N PRO A 402 -15.39 1.66 7.55
CA PRO A 402 -14.20 0.95 8.03
C PRO A 402 -12.96 1.15 7.16
N ASN A 403 -13.12 1.53 5.88
CA ASN A 403 -11.99 1.76 4.95
C ASN A 403 -11.72 3.26 4.80
N SER A 404 -12.29 4.11 5.66
CA SER A 404 -12.10 5.58 5.58
C SER A 404 -10.63 5.93 5.79
N ARG A 405 -10.23 7.12 5.36
CA ARG A 405 -8.80 7.43 5.14
C ARG A 405 -8.46 8.84 5.58
N PHE A 406 -7.20 9.02 5.96
CA PHE A 406 -6.51 10.32 5.92
C PHE A 406 -5.47 10.25 4.83
N CYS A 407 -5.24 11.39 4.19
CA CYS A 407 -4.27 11.55 3.09
C CYS A 407 -3.40 12.76 3.47
N THR A 408 -2.19 12.52 3.94
CA THR A 408 -1.44 13.56 4.67
C THR A 408 -0.02 13.61 4.14
N PRO A 409 0.60 14.80 4.07
CA PRO A 409 2.00 14.91 3.63
C PRO A 409 2.98 14.19 4.57
N ALA A 410 3.92 13.44 4.00
CA ALA A 410 4.87 12.65 4.79
C ALA A 410 5.80 13.61 5.54
N SER A 411 6.08 14.77 4.95
CA SER A 411 7.00 15.78 5.53
C SER A 411 6.48 16.27 6.89
N GLN A 412 5.19 16.10 7.18
CA GLN A 412 4.56 16.62 8.43
C GLN A 412 4.70 15.64 9.60
N CYS A 413 5.12 14.41 9.35
CA CYS A 413 5.25 13.41 10.43
C CYS A 413 6.37 13.90 11.34
N PRO A 414 6.12 14.07 12.66
CA PRO A 414 7.13 14.63 13.55
C PRO A 414 8.36 13.72 13.69
N ILE A 415 8.23 12.44 13.32
CA ILE A 415 9.37 11.47 13.36
C ILE A 415 9.70 11.01 11.93
N ILE A 416 9.40 11.82 10.93
CA ILE A 416 9.85 11.46 9.56
C ILE A 416 11.39 11.40 9.60
N ASP A 417 11.94 10.35 8.98
CA ASP A 417 13.39 10.08 9.02
C ASP A 417 14.15 11.12 8.22
N PRO A 418 15.31 11.62 8.69
CA PRO A 418 16.05 12.63 7.95
C PRO A 418 16.55 12.17 6.56
N ALA A 419 16.57 10.86 6.29
CA ALA A 419 16.96 10.33 4.96
C ALA A 419 15.73 9.81 4.19
N TRP A 420 14.51 10.19 4.58
CA TRP A 420 13.28 9.65 3.93
C TRP A 420 13.21 10.08 2.46
N GLU A 421 13.92 11.12 2.05
CA GLU A 421 13.96 11.60 0.63
C GLU A 421 15.36 11.52 0.06
N SER A 422 16.29 10.83 0.72
CA SER A 422 17.66 10.64 0.16
CA SER A 422 17.65 10.66 0.15
C SER A 422 17.56 9.87 -1.14
N PRO A 423 18.07 10.41 -2.27
CA PRO A 423 17.96 9.72 -3.55
C PRO A 423 18.67 8.35 -3.61
N GLU A 424 19.67 8.12 -2.76
CA GLU A 424 20.44 6.86 -2.72
C GLU A 424 19.63 5.79 -2.00
N GLY A 425 18.59 6.18 -1.25
CA GLY A 425 17.84 5.22 -0.43
C GLY A 425 18.59 4.86 0.84
N VAL A 426 17.98 4.03 1.66
CA VAL A 426 18.50 3.65 2.99
C VAL A 426 18.82 2.16 2.97
N PRO A 427 19.90 1.72 3.65
CA PRO A 427 20.31 0.31 3.61
C PRO A 427 19.50 -0.56 4.55
N ILE A 428 18.73 -1.51 3.98
CA ILE A 428 17.84 -2.41 4.75
C ILE A 428 18.65 -3.55 5.35
N GLU A 429 18.60 -3.73 6.67
CA GLU A 429 19.39 -4.76 7.38
C GLU A 429 18.46 -5.87 7.88
N GLY A 430 17.15 -5.62 7.95
CA GLY A 430 16.19 -6.68 8.31
C GLY A 430 14.88 -6.51 7.58
N ILE A 431 14.25 -7.63 7.24
CA ILE A 431 12.90 -7.69 6.61
C ILE A 431 12.01 -8.48 7.56
N ILE A 432 10.86 -7.91 7.88
CA ILE A 432 9.90 -8.47 8.87
C ILE A 432 8.62 -8.83 8.12
N PHE A 433 8.21 -10.08 8.23
CA PHE A 433 6.89 -10.55 7.78
C PHE A 433 5.98 -10.67 8.99
N GLY A 434 4.67 -10.69 8.80
CA GLY A 434 3.79 -10.79 9.97
C GLY A 434 2.35 -10.98 9.58
N GLY A 435 1.55 -11.44 10.53
CA GLY A 435 0.13 -11.70 10.31
C GLY A 435 -0.60 -11.68 11.63
N ARG A 436 -1.91 -11.63 11.57
CA ARG A 436 -2.75 -11.77 12.79
C ARG A 436 -3.02 -13.26 12.98
N ARG A 437 -2.40 -13.89 13.98
CA ARG A 437 -2.58 -15.34 14.26
C ARG A 437 -2.96 -15.50 15.73
N PRO A 438 -4.26 -15.71 16.05
CA PRO A 438 -4.67 -15.83 17.45
C PRO A 438 -4.10 -17.07 18.16
N ALA A 439 -3.67 -18.08 17.40
CA ALA A 439 -3.11 -19.34 17.94
C ALA A 439 -1.82 -19.74 17.22
N GLY A 440 -0.96 -20.44 17.94
CA GLY A 440 0.08 -21.33 17.37
C GLY A 440 1.38 -20.62 17.07
N VAL A 441 1.32 -19.36 16.64
CA VAL A 441 2.50 -18.64 16.06
C VAL A 441 3.14 -17.74 17.11
N PRO A 442 4.43 -17.97 17.43
CA PRO A 442 5.14 -17.15 18.41
C PRO A 442 5.22 -15.65 18.11
N LEU A 443 5.43 -14.83 19.15
CA LEU A 443 5.55 -13.36 19.07
C LEU A 443 6.57 -13.01 17.98
N VAL A 444 7.72 -13.67 17.98
CA VAL A 444 8.76 -13.38 16.97
C VAL A 444 9.62 -14.63 16.74
N TYR A 445 10.00 -14.85 15.50
CA TYR A 445 11.04 -15.84 15.17
C TYR A 445 11.86 -15.30 14.01
N GLU A 446 13.02 -15.89 13.83
CA GLU A 446 13.98 -15.49 12.79
C GLU A 446 14.20 -16.66 11.84
N ALA A 447 14.18 -16.41 10.54
CA ALA A 447 14.42 -17.43 9.51
C ALA A 447 15.86 -17.93 9.59
N LEU A 448 16.05 -19.20 9.24
CA LEU A 448 17.34 -19.93 9.37
C LEU A 448 18.33 -19.52 8.27
N SER A 449 17.81 -18.93 7.20
CA SER A 449 18.56 -18.64 5.94
C SER A 449 17.70 -17.73 5.07
N TRP A 450 18.29 -17.21 4.00
CA TRP A 450 17.53 -16.43 3.01
C TRP A 450 16.42 -17.29 2.40
N GLN A 451 16.74 -18.53 2.04
CA GLN A 451 15.77 -19.44 1.39
C GLN A 451 14.61 -19.71 2.35
N HIS A 452 14.92 -20.05 3.60
CA HIS A 452 13.88 -20.21 4.65
C HIS A 452 13.06 -18.91 4.78
N GLY A 453 13.72 -17.77 4.79
CA GLY A 453 13.04 -16.46 4.87
C GLY A 453 12.07 -16.21 3.72
N VAL A 454 12.45 -16.57 2.49
CA VAL A 454 11.55 -16.41 1.31
C VAL A 454 10.36 -17.37 1.52
N PHE A 455 10.62 -18.57 2.03
CA PHE A 455 9.54 -19.52 2.38
C PHE A 455 8.61 -18.89 3.43
N VAL A 456 9.16 -18.26 4.45
CA VAL A 456 8.34 -17.62 5.54
C VAL A 456 7.44 -16.55 4.90
N GLY A 457 7.97 -15.74 3.99
CA GLY A 457 7.16 -14.78 3.23
C GLY A 457 6.02 -15.48 2.52
N ALA A 458 6.34 -16.55 1.78
CA ALA A 458 5.39 -17.28 0.92
C ALA A 458 4.28 -17.91 1.78
N ALA A 459 4.60 -18.25 3.03
CA ALA A 459 3.72 -19.01 3.92
C ALA A 459 2.80 -18.08 4.73
N MET A 460 2.88 -16.76 4.55
CA MET A 460 2.15 -15.81 5.44
C MET A 460 0.65 -16.08 5.36
N ARG A 461 0.04 -16.05 6.54
CA ARG A 461 -1.42 -16.19 6.71
C ARG A 461 -1.86 -15.24 7.81
N SER A 462 -3.13 -14.87 7.80
CA SER A 462 -3.61 -13.82 8.72
C SER A 462 -5.12 -13.97 8.87
N GLU A 463 -5.62 -13.73 10.06
CA GLU A 463 -7.08 -13.78 10.33
C GLU A 463 -7.75 -12.63 9.56
N ALA A 464 -8.79 -12.94 8.78
CA ALA A 464 -9.54 -11.93 7.99
C ALA A 464 -10.47 -11.20 8.96
N THR A 465 -10.87 -9.97 8.64
CA THR A 465 -11.82 -9.17 9.46
C THR A 465 -13.11 -9.96 9.69
N ALA A 466 -13.47 -10.82 8.73
CA ALA A 466 -14.53 -11.85 8.87
C ALA A 466 -14.41 -12.94 7.80
N ALA A 467 -15.25 -13.97 7.90
CA ALA A 467 -15.52 -14.97 6.83
C ALA A 467 -16.36 -14.30 5.73
N ALA A 468 -17.05 -13.21 6.08
CA ALA A 468 -17.99 -12.47 5.20
C ALA A 468 -19.15 -13.39 4.82
N HIS A 470 -21.80 -13.74 8.03
CA HIS A 470 -22.23 -14.08 9.42
C HIS A 470 -21.03 -14.61 10.22
N LYS A 471 -21.13 -14.58 11.56
CA LYS A 471 -19.98 -14.52 12.50
C LYS A 471 -19.13 -15.80 12.42
N GLY A 472 -17.83 -15.63 12.21
CA GLY A 472 -16.83 -16.72 12.09
C GLY A 472 -15.55 -16.19 11.48
N LYS A 473 -14.40 -16.71 11.94
CA LYS A 473 -13.06 -16.24 11.52
C LYS A 473 -12.54 -17.13 10.39
N VAL A 474 -11.75 -16.55 9.49
CA VAL A 474 -11.05 -17.32 8.42
C VAL A 474 -9.58 -16.96 8.54
N ILE A 475 -8.72 -17.95 8.41
CA ILE A 475 -7.25 -17.71 8.31
C ILE A 475 -6.90 -17.75 6.83
N MET A 476 -6.64 -16.59 6.23
CA MET A 476 -6.41 -16.53 4.77
CA MET A 476 -6.41 -16.39 4.77
C MET A 476 -4.91 -16.41 4.49
N HIS A 477 -4.50 -16.83 3.29
CA HIS A 477 -3.10 -16.72 2.85
C HIS A 477 -2.89 -15.34 2.24
N ASP A 478 -1.76 -14.72 2.56
CA ASP A 478 -1.39 -13.42 1.96
C ASP A 478 0.12 -13.42 1.83
N PRO A 479 0.68 -14.21 0.88
CA PRO A 479 2.13 -14.27 0.73
C PRO A 479 2.78 -12.89 0.49
N PHE A 480 3.79 -12.57 1.31
CA PHE A 480 4.58 -11.31 1.26
C PHE A 480 3.65 -10.10 1.45
N ALA A 481 2.42 -10.29 1.92
CA ALA A 481 1.38 -9.24 1.95
C ALA A 481 1.12 -8.70 0.54
N MET A 482 1.40 -9.49 -0.49
CA MET A 482 1.30 -9.03 -1.90
C MET A 482 0.13 -9.71 -2.64
N ARG A 483 -0.71 -10.49 -1.97
CA ARG A 483 -1.72 -11.30 -2.70
C ARG A 483 -2.54 -10.45 -3.67
N PRO A 484 -3.07 -9.26 -3.28
CA PRO A 484 -3.85 -8.41 -4.18
C PRO A 484 -3.03 -7.55 -5.15
N PHE A 485 -1.69 -7.67 -5.11
CA PHE A 485 -0.78 -6.66 -5.72
C PHE A 485 0.28 -7.25 -6.64
N PHE A 486 0.40 -8.57 -6.80
CA PHE A 486 1.44 -9.14 -7.68
C PHE A 486 1.27 -8.59 -9.10
N GLY A 487 2.34 -8.12 -9.71
CA GLY A 487 2.31 -7.62 -11.10
C GLY A 487 2.47 -8.74 -12.12
N TYR A 488 2.79 -9.94 -11.68
CA TYR A 488 3.16 -11.09 -12.53
C TYR A 488 3.14 -12.35 -11.68
N ASN A 489 3.41 -13.47 -12.33
CA ASN A 489 3.35 -14.84 -11.77
C ASN A 489 4.10 -14.92 -10.43
N PHE A 490 3.38 -15.29 -9.38
CA PHE A 490 3.93 -15.37 -8.02
C PHE A 490 5.10 -16.37 -7.94
N GLY A 491 5.04 -17.48 -8.68
CA GLY A 491 6.15 -18.45 -8.67
C GLY A 491 7.42 -17.79 -9.20
N LYS A 492 7.29 -16.98 -10.26
CA LYS A 492 8.43 -16.26 -10.84
C LYS A 492 8.92 -15.18 -9.87
N TYR A 493 8.01 -14.61 -9.07
CA TYR A 493 8.37 -13.64 -8.02
C TYR A 493 9.21 -14.36 -6.94
N LEU A 494 8.80 -15.54 -6.49
CA LEU A 494 9.60 -16.35 -5.54
C LEU A 494 10.98 -16.61 -6.14
N ALA A 495 11.05 -16.98 -7.43
CA ALA A 495 12.34 -17.28 -8.06
C ALA A 495 13.19 -16.01 -8.03
N HIS A 496 12.56 -14.87 -8.30
CA HIS A 496 13.27 -13.57 -8.32
C HIS A 496 13.87 -13.30 -6.93
N TRP A 497 13.08 -13.46 -5.88
CA TRP A 497 13.59 -13.29 -4.49
C TRP A 497 14.74 -14.25 -4.22
N LEU A 498 14.61 -15.53 -4.58
CA LEU A 498 15.65 -16.54 -4.30
C LEU A 498 16.94 -16.19 -5.07
N SER A 499 16.81 -15.58 -6.24
CA SER A 499 17.96 -15.25 -7.12
C SER A 499 18.86 -14.22 -6.43
N MET A 500 18.33 -13.46 -5.48
CA MET A 500 19.14 -12.41 -4.82
C MET A 500 20.32 -13.06 -4.08
N ALA A 501 20.19 -14.30 -3.61
CA ALA A 501 21.27 -14.99 -2.87
C ALA A 501 22.46 -15.20 -3.79
N HIS A 502 22.29 -15.16 -5.12
CA HIS A 502 23.35 -15.51 -6.10
C HIS A 502 23.95 -14.24 -6.72
N ARG A 503 23.42 -13.10 -6.32
CA ARG A 503 23.92 -11.77 -6.77
C ARG A 503 25.27 -11.57 -6.08
N PRO A 504 26.36 -11.43 -6.87
CA PRO A 504 27.67 -11.15 -6.29
C PRO A 504 27.63 -9.94 -5.35
N ALA A 505 28.20 -10.11 -4.17
CA ALA A 505 28.39 -9.06 -3.12
C ALA A 505 27.15 -8.88 -2.24
N ALA A 506 25.98 -9.42 -2.58
CA ALA A 506 24.70 -9.11 -1.90
C ALA A 506 24.86 -9.33 -0.39
N LYS A 507 24.47 -8.34 0.41
CA LYS A 507 24.37 -8.44 1.88
C LYS A 507 22.91 -8.72 2.20
N LEU A 508 22.56 -10.00 2.32
CA LEU A 508 21.15 -10.41 2.46
C LEU A 508 20.67 -10.02 3.84
N PRO A 509 19.59 -9.21 3.95
CA PRO A 509 19.07 -8.88 5.26
C PRO A 509 18.59 -10.13 6.02
N LYS A 510 18.59 -10.02 7.34
CA LYS A 510 18.00 -11.02 8.24
C LYS A 510 16.48 -10.95 8.05
N ILE A 511 15.81 -12.10 8.01
CA ILE A 511 14.34 -12.16 7.85
C ILE A 511 13.73 -12.64 9.16
N PHE A 512 12.68 -11.95 9.60
CA PHE A 512 11.95 -12.22 10.85
C PHE A 512 10.48 -12.38 10.52
N HIS A 513 9.75 -13.01 11.42
CA HIS A 513 8.28 -13.09 11.38
C HIS A 513 7.75 -12.68 12.76
N VAL A 514 6.75 -11.80 12.80
CA VAL A 514 6.14 -11.33 14.05
C VAL A 514 4.66 -11.69 14.08
N ASN A 515 4.16 -11.83 15.30
CA ASN A 515 2.72 -12.03 15.58
C ASN A 515 2.38 -11.22 16.84
N TRP A 516 1.76 -10.06 16.66
CA TRP A 516 1.35 -9.21 17.79
C TRP A 516 0.07 -9.76 18.41
N PHE A 517 -0.60 -10.72 17.77
CA PHE A 517 -2.04 -10.96 17.99
C PHE A 517 -2.32 -12.32 18.61
N ARG A 518 -1.32 -12.99 19.19
CA ARG A 518 -1.53 -14.33 19.81
C ARG A 518 -2.43 -14.13 21.03
N LYS A 519 -3.43 -15.01 21.18
CA LYS A 519 -4.43 -14.91 22.28
C LYS A 519 -4.32 -16.13 23.20
N ASP A 520 -4.76 -15.99 24.44
CA ASP A 520 -4.83 -17.11 25.41
C ASP A 520 -6.13 -17.87 25.19
N LYS A 521 -6.42 -18.84 26.07
CA LYS A 521 -7.63 -19.73 26.03
C LYS A 521 -8.91 -18.87 25.99
N ASN A 522 -8.89 -17.71 26.64
CA ASN A 522 -10.10 -16.84 26.85
C ASN A 522 -10.19 -15.74 25.79
N GLY A 523 -9.30 -15.71 24.80
CA GLY A 523 -9.37 -14.75 23.68
C GLY A 523 -8.71 -13.43 24.01
N LYS A 524 -7.92 -13.39 25.09
CA LYS A 524 -7.19 -12.19 25.55
C LYS A 524 -5.81 -12.15 24.91
N PHE A 525 -5.39 -10.99 24.41
CA PHE A 525 -4.04 -10.80 23.80
C PHE A 525 -2.97 -11.09 24.85
N LEU A 526 -1.97 -11.91 24.48
CA LEU A 526 -0.83 -12.30 25.36
C LEU A 526 0.22 -11.20 25.36
N TRP A 527 0.23 -10.32 24.37
CA TRP A 527 1.28 -9.28 24.23
C TRP A 527 0.60 -7.91 24.21
N PRO A 528 1.09 -6.95 25.03
CA PRO A 528 0.45 -5.63 25.10
C PRO A 528 0.60 -4.79 23.82
N GLY A 529 1.64 -5.03 23.02
CA GLY A 529 1.76 -4.39 21.70
C GLY A 529 2.00 -2.89 21.79
N PHE A 530 1.66 -2.18 20.71
CA PHE A 530 1.91 -0.73 20.51
C PHE A 530 3.39 -0.44 20.79
N GLY A 531 3.70 0.55 21.62
CA GLY A 531 5.10 0.97 21.89
C GLY A 531 5.94 -0.15 22.46
N GLU A 532 5.33 -1.16 23.10
CA GLU A 532 6.06 -2.31 23.68
C GLU A 532 6.67 -3.15 22.55
N ASN A 533 6.19 -3.00 21.32
CA ASN A 533 6.78 -3.74 20.18
C ASN A 533 8.24 -3.33 20.01
N SER A 534 8.65 -2.19 20.57
CA SER A 534 10.08 -1.76 20.58
C SER A 534 10.96 -2.86 21.19
N ARG A 535 10.43 -3.67 22.11
CA ARG A 535 11.18 -4.76 22.78
C ARG A 535 11.52 -5.85 21.76
N VAL A 536 10.60 -6.11 20.82
CA VAL A 536 10.86 -7.12 19.76
C VAL A 536 11.88 -6.52 18.77
N LEU A 537 11.74 -5.26 18.42
CA LEU A 537 12.71 -4.61 17.50
C LEU A 537 14.10 -4.61 18.14
N GLU A 538 14.21 -4.43 19.46
CA GLU A 538 15.53 -4.48 20.17
C GLU A 538 16.15 -5.87 19.96
N TRP A 539 15.35 -6.94 20.07
CA TRP A 539 15.88 -8.30 19.89
C TRP A 539 16.38 -8.48 18.45
N MET A 540 15.61 -8.02 17.46
CA MET A 540 16.00 -8.08 16.05
C MET A 540 17.33 -7.33 15.85
N PHE A 541 17.43 -6.15 16.44
CA PHE A 541 18.61 -5.26 16.31
C PHE A 541 19.84 -6.04 16.76
N GLY A 542 19.76 -6.65 17.94
CA GLY A 542 20.91 -7.42 18.46
C GLY A 542 21.22 -8.61 17.58
N ARG A 543 20.20 -9.28 17.04
CA ARG A 543 20.43 -10.45 16.15
C ARG A 543 21.17 -10.02 14.90
N ILE A 544 20.83 -8.85 14.35
CA ILE A 544 21.52 -8.31 13.15
C ILE A 544 22.98 -8.03 13.51
N GLU A 545 23.27 -7.56 14.72
CA GLU A 545 24.66 -7.29 15.18
C GLU A 545 25.41 -8.60 15.49
N GLY A 546 24.74 -9.74 15.49
CA GLY A 546 25.40 -11.05 15.69
C GLY A 546 25.30 -11.52 17.13
N GLU A 547 24.44 -10.92 17.93
CA GLU A 547 24.28 -11.27 19.37
C GLU A 547 23.79 -12.72 19.50
N ASP A 548 24.28 -13.41 20.53
CA ASP A 548 24.04 -14.85 20.76
C ASP A 548 22.75 -15.01 21.59
N SER A 549 21.66 -14.35 21.16
CA SER A 549 20.41 -14.12 21.94
C SER A 549 19.30 -15.05 21.45
N ALA A 550 19.63 -16.05 20.61
CA ALA A 550 18.64 -16.92 19.95
C ALA A 550 18.77 -18.37 20.41
N LYS A 551 17.66 -19.08 20.38
CA LYS A 551 17.56 -20.54 20.58
C LYS A 551 16.90 -21.12 19.33
N LEU A 552 17.41 -22.25 18.84
CA LEU A 552 16.85 -22.97 17.67
C LEU A 552 15.55 -23.66 18.09
N THR A 553 14.55 -23.57 17.23
CA THR A 553 13.28 -24.32 17.29
C THR A 553 12.96 -24.85 15.90
N PRO A 554 11.95 -25.73 15.76
CA PRO A 554 11.56 -26.23 14.44
C PRO A 554 11.13 -25.17 13.41
N ILE A 555 10.70 -23.99 13.85
CA ILE A 555 10.20 -22.95 12.92
C ILE A 555 11.28 -21.90 12.63
N GLY A 556 12.39 -21.92 13.35
CA GLY A 556 13.43 -20.90 13.26
C GLY A 556 13.96 -20.49 14.61
N TYR A 557 14.71 -19.42 14.68
CA TYR A 557 15.29 -18.93 15.95
C TYR A 557 14.24 -18.11 16.68
N VAL A 558 14.15 -18.31 18.00
CA VAL A 558 13.34 -17.46 18.91
C VAL A 558 14.28 -16.88 19.95
N PRO A 559 13.84 -15.86 20.71
CA PRO A 559 14.67 -15.32 21.80
C PRO A 559 14.96 -16.40 22.85
N LYS A 560 16.23 -16.46 23.25
CA LYS A 560 16.71 -17.22 24.44
C LYS A 560 15.89 -16.88 25.67
N GLU A 561 15.93 -17.76 26.65
CA GLU A 561 15.50 -17.44 28.03
C GLU A 561 16.19 -16.12 28.41
N ASP A 562 15.40 -15.13 28.85
CA ASP A 562 15.86 -13.84 29.42
C ASP A 562 16.35 -12.88 28.35
N ALA A 563 16.23 -13.20 27.06
CA ALA A 563 16.76 -12.36 25.95
C ALA A 563 15.87 -11.14 25.74
N LEU A 564 14.55 -11.32 25.78
CA LEU A 564 13.58 -10.20 25.62
C LEU A 564 13.65 -9.29 26.84
N ASN A 565 13.74 -7.99 26.62
CA ASN A 565 13.62 -6.96 27.67
C ASN A 565 12.14 -6.86 28.09
N LEU A 566 11.77 -7.45 29.23
CA LEU A 566 10.38 -7.39 29.77
C LEU A 566 10.32 -6.45 30.99
N LYS A 567 11.37 -5.64 31.19
CA LYS A 567 11.47 -4.65 32.30
C LYS A 567 10.32 -3.64 32.17
N GLY A 568 9.39 -3.66 33.13
CA GLY A 568 8.29 -2.68 33.25
C GLY A 568 6.98 -3.17 32.66
N LEU A 569 6.92 -4.42 32.19
CA LEU A 569 5.66 -5.05 31.69
C LEU A 569 5.03 -5.88 32.81
N GLY A 570 5.69 -5.97 33.96
CA GLY A 570 5.39 -6.97 34.98
C GLY A 570 5.47 -8.36 34.37
N ASP A 571 4.46 -9.21 34.64
CA ASP A 571 4.52 -10.66 34.33
C ASP A 571 3.84 -10.92 32.98
N VAL A 572 4.65 -11.02 31.91
CA VAL A 572 4.22 -11.50 30.56
C VAL A 572 4.33 -13.02 30.57
N ASN A 573 3.37 -13.72 29.95
CA ASN A 573 3.40 -15.21 29.85
C ASN A 573 4.25 -15.61 28.63
N VAL A 574 5.56 -15.65 28.79
CA VAL A 574 6.55 -15.91 27.70
C VAL A 574 6.39 -17.36 27.21
N GLU A 575 6.06 -18.28 28.11
CA GLU A 575 5.89 -19.73 27.83
C GLU A 575 4.77 -19.92 26.79
N GLU A 576 3.61 -19.30 27.01
CA GLU A 576 2.45 -19.41 26.10
C GLU A 576 2.74 -18.60 24.83
N LEU A 577 3.37 -17.43 25.00
CA LEU A 577 3.64 -16.47 23.89
C LEU A 577 4.61 -17.10 22.89
N PHE A 578 5.58 -17.89 23.35
CA PHE A 578 6.58 -18.54 22.46
C PHE A 578 6.34 -20.05 22.32
N GLY A 579 5.23 -20.57 22.85
CA GLY A 579 4.88 -22.00 22.74
C GLY A 579 4.81 -22.46 21.30
N ILE A 580 5.42 -23.61 21.00
CA ILE A 580 5.39 -24.26 19.67
C ILE A 580 4.79 -25.67 19.87
N SER A 581 3.58 -25.88 19.37
CA SER A 581 2.85 -27.17 19.45
C SER A 581 3.09 -27.99 18.18
N LYS A 582 3.54 -29.23 18.32
CA LYS A 582 3.68 -30.18 17.19
C LYS A 582 2.35 -30.31 16.43
N GLU A 583 1.23 -30.46 17.14
CA GLU A 583 -0.11 -30.65 16.52
C GLU A 583 -0.43 -29.41 15.67
N PHE A 584 -0.22 -28.21 16.21
CA PHE A 584 -0.54 -26.96 15.48
C PHE A 584 0.32 -26.89 14.21
N TRP A 585 1.62 -27.14 14.36
CA TRP A 585 2.58 -26.95 13.24
C TRP A 585 2.44 -28.08 12.21
N GLU A 586 2.04 -29.29 12.60
CA GLU A 586 1.69 -30.35 11.60
C GLU A 586 0.56 -29.84 10.71
N LYS A 587 -0.50 -29.30 11.31
CA LYS A 587 -1.66 -28.75 10.55
C LYS A 587 -1.14 -27.60 9.68
N GLU A 588 -0.30 -26.73 10.24
CA GLU A 588 0.12 -25.50 9.55
C GLU A 588 0.88 -25.87 8.28
N VAL A 589 1.85 -26.80 8.38
CA VAL A 589 2.65 -27.21 7.20
C VAL A 589 1.75 -27.87 6.15
N GLU A 590 0.74 -28.65 6.56
CA GLU A 590 -0.24 -29.23 5.62
C GLU A 590 -0.99 -28.12 4.86
N GLU A 591 -1.48 -27.08 5.57
CA GLU A 591 -2.22 -25.98 4.89
C GLU A 591 -1.26 -25.25 3.95
N ILE A 592 -0.01 -25.03 4.35
CA ILE A 592 0.96 -24.32 3.47
C ILE A 592 1.24 -25.19 2.22
N ASP A 593 1.43 -26.49 2.41
CA ASP A 593 1.67 -27.46 1.32
C ASP A 593 0.50 -27.40 0.33
N LYS A 594 -0.73 -27.58 0.80
CA LYS A 594 -1.92 -27.59 -0.08
C LYS A 594 -1.98 -26.28 -0.85
N TYR A 595 -1.70 -25.17 -0.17
CA TYR A 595 -1.81 -23.84 -0.79
C TYR A 595 -0.80 -23.68 -1.91
N LEU A 596 0.47 -23.91 -1.60
CA LEU A 596 1.56 -23.68 -2.59
C LEU A 596 1.40 -24.65 -3.75
N GLU A 597 1.04 -25.90 -3.48
CA GLU A 597 0.80 -26.90 -4.53
C GLU A 597 -0.29 -26.43 -5.51
N ASP A 598 -1.44 -25.99 -5.00
CA ASP A 598 -2.56 -25.57 -5.88
C ASP A 598 -2.19 -24.26 -6.54
N GLN A 599 -1.85 -23.23 -5.75
CA GLN A 599 -1.83 -21.84 -6.24
C GLN A 599 -0.55 -21.54 -7.03
N VAL A 600 0.55 -22.24 -6.75
CA VAL A 600 1.85 -21.96 -7.43
C VAL A 600 2.19 -23.11 -8.39
N ASN A 601 1.88 -24.36 -8.00
CA ASN A 601 1.86 -25.51 -8.95
C ASN A 601 3.19 -25.59 -9.70
N ALA A 602 3.18 -25.54 -11.03
CA ALA A 602 4.38 -25.87 -11.84
C ALA A 602 5.44 -24.79 -11.66
N ASP A 603 5.06 -23.62 -11.14
CA ASP A 603 6.01 -22.49 -11.02
C ASP A 603 6.56 -22.38 -9.59
N LEU A 604 6.35 -23.39 -8.75
CA LEU A 604 6.88 -23.38 -7.37
C LEU A 604 8.38 -23.67 -7.43
N PRO A 605 9.27 -22.76 -7.02
CA PRO A 605 10.69 -23.08 -7.10
C PRO A 605 11.09 -24.26 -6.22
N TYR A 606 12.09 -25.02 -6.69
CA TYR A 606 12.71 -26.14 -5.97
C TYR A 606 13.04 -25.76 -4.52
N GLU A 607 13.65 -24.59 -4.31
CA GLU A 607 14.13 -24.21 -2.97
C GLU A 607 12.94 -23.97 -2.04
N ILE A 608 11.76 -23.59 -2.54
CA ILE A 608 10.59 -23.36 -1.65
C ILE A 608 10.03 -24.73 -1.25
N GLU A 609 9.91 -25.65 -2.20
CA GLU A 609 9.50 -27.05 -1.90
C GLU A 609 10.48 -27.64 -0.88
N ARG A 610 11.79 -27.37 -1.01
CA ARG A 610 12.80 -27.93 -0.09
C ARG A 610 12.58 -27.35 1.31
N GLU A 611 12.31 -26.06 1.42
CA GLU A 611 12.03 -25.44 2.74
C GLU A 611 10.76 -26.03 3.35
N LEU A 612 9.75 -26.34 2.54
CA LEU A 612 8.52 -27.00 3.03
C LEU A 612 8.89 -28.38 3.61
N ARG A 613 9.64 -29.17 2.84
CA ARG A 613 10.12 -30.51 3.28
C ARG A 613 10.93 -30.36 4.57
N ALA A 614 11.84 -29.37 4.66
CA ALA A 614 12.70 -29.22 5.84
C ALA A 614 11.86 -28.89 7.07
N LEU A 615 10.86 -28.02 6.96
CA LEU A 615 10.04 -27.62 8.13
C LEU A 615 9.23 -28.84 8.58
N LYS A 616 8.66 -29.56 7.63
CA LYS A 616 7.92 -30.82 7.92
CA LYS A 616 7.91 -30.81 7.93
C LYS A 616 8.83 -31.75 8.72
N GLN A 617 10.07 -31.90 8.25
CA GLN A 617 11.02 -32.84 8.89
C GLN A 617 11.34 -32.38 10.32
N ARG A 618 11.57 -31.08 10.53
CA ARG A 618 11.90 -30.57 11.87
C ARG A 618 10.70 -30.76 12.80
N ILE A 619 9.48 -30.56 12.30
CA ILE A 619 8.25 -30.75 13.13
C ILE A 619 8.15 -32.24 13.48
N SER A 620 8.49 -33.12 12.54
CA SER A 620 8.35 -34.59 12.71
C SER A 620 9.23 -35.10 13.85
N GLN A 621 10.33 -34.40 14.17
CA GLN A 621 11.32 -34.82 15.21
C GLN A 621 10.96 -34.23 16.59
N MET A 622 9.87 -33.46 16.70
CA MET A 622 9.37 -32.96 18.01
C MET A 622 8.80 -34.12 18.83
#